data_5AB8
#
_entry.id   5AB8
#
_cell.length_a   43.160
_cell.length_b   43.160
_cell.length_c   212.900
_cell.angle_alpha   90.00
_cell.angle_beta   90.00
_cell.angle_gamma   120.00
#
_symmetry.space_group_name_H-M   'P 61 2 2'
#
loop_
_entity.id
_entity.type
_entity.pdbx_description
1 polymer 'GROUP 1 TRUNCATED HEMOGLOBIN GLBN'
2 non-polymer 'PROTOPORPHYRIN IX CONTAINING FE'
3 non-polymer 'FORMIC ACID'
4 non-polymer 'ACETATE ION'
5 non-polymer GLYCEROL
6 water water
#
_entity_poly.entity_id   1
_entity_poly.type   'polypeptide(L)'
_entity_poly.pdbx_seq_one_letter_code
;PISIYDKIGGHEAIEVVVEDFYVRVLADDQLSAFFSGTNMSRLKGKQVEFFAAALGGPEPYTGAPMKQVHQGRGITMHHF
SLVAGHLADALTAAGVPSETITEILGVIAPLAVDVTSGESTTAPV
;
_entity_poly.pdbx_strand_id   A
#
loop_
_chem_comp.id
_chem_comp.type
_chem_comp.name
_chem_comp.formula
ACT non-polymer 'ACETATE ION' 'C2 H3 O2 -1'
FMT non-polymer 'FORMIC ACID' 'C H2 O2'
GOL non-polymer GLYCEROL 'C3 H8 O3'
HEM non-polymer 'PROTOPORPHYRIN IX CONTAINING FE' 'C34 H32 Fe N4 O4'
#
# COMPACT_ATOMS: atom_id res chain seq x y z
N PRO A 1 9.74 10.02 18.88
CA PRO A 1 8.65 9.17 19.34
C PRO A 1 8.91 7.70 18.95
N ILE A 2 7.85 6.98 18.63
CA ILE A 2 7.92 5.67 17.97
C ILE A 2 7.42 5.83 16.51
N SER A 3 8.00 5.06 15.59
CA SER A 3 7.50 5.07 14.22
C SER A 3 6.14 4.37 14.14
N ILE A 4 5.35 4.75 13.15
CA ILE A 4 4.09 4.04 12.92
C ILE A 4 4.36 2.57 12.67
N TYR A 5 5.38 2.31 11.86
CA TYR A 5 5.84 0.95 11.57
C TYR A 5 6.02 0.15 12.86
N ASP A 6 6.76 0.71 13.83
CA ASP A 6 6.99 -0.01 15.09
C ASP A 6 5.68 -0.18 15.87
N LYS A 7 4.86 0.86 15.87
CA LYS A 7 3.61 0.84 16.62
C LYS A 7 2.67 -0.30 16.19
N ILE A 8 2.64 -0.61 14.90
CA ILE A 8 1.77 -1.68 14.40
C ILE A 8 2.36 -3.09 14.39
N GLY A 9 3.62 -3.25 14.76
CA GLY A 9 4.21 -4.59 14.81
C GLY A 9 5.37 -4.80 13.86
N GLY A 10 5.88 -3.73 13.26
CA GLY A 10 7.07 -3.81 12.42
C GLY A 10 6.91 -4.68 11.17
N HIS A 11 8.01 -5.30 10.73
CA HIS A 11 8.04 -5.95 9.42
C HIS A 11 6.95 -6.97 9.20
N GLU A 12 6.75 -7.85 10.18
CA GLU A 12 5.74 -8.87 10.07
C GLU A 12 4.35 -8.30 9.83
N ALA A 13 4.03 -7.22 10.51
CA ALA A 13 2.73 -6.60 10.35
C ALA A 13 2.57 -6.06 8.93
N ILE A 14 3.63 -5.46 8.40
CA ILE A 14 3.57 -4.96 7.00
C ILE A 14 3.31 -6.13 6.02
N GLU A 15 4.02 -7.24 6.22
CA GLU A 15 3.83 -8.44 5.38
C GLU A 15 2.38 -8.93 5.44
N VAL A 16 1.80 -8.95 6.63
CA VAL A 16 0.43 -9.42 6.81
C VAL A 16 -0.55 -8.50 6.04
N VAL A 17 -0.40 -7.22 6.26
CA VAL A 17 -1.24 -6.22 5.60
C VAL A 17 -1.14 -6.34 4.09
N VAL A 18 0.07 -6.41 3.57
CA VAL A 18 0.25 -6.45 2.12
C VAL A 18 -0.35 -7.70 1.49
N GLU A 19 -0.17 -8.85 2.12
CA GLU A 19 -0.75 -10.08 1.58
C GLU A 19 -2.29 -9.97 1.51
N ASP A 20 -2.90 -9.45 2.57
CA ASP A 20 -4.36 -9.31 2.62
C ASP A 20 -4.86 -8.23 1.64
N PHE A 21 -4.13 -7.13 1.58
CA PHE A 21 -4.36 -6.10 0.57
C PHE A 21 -4.41 -6.66 -0.87
N TYR A 22 -3.42 -7.47 -1.27
CA TYR A 22 -3.40 -8.03 -2.62
C TYR A 22 -4.51 -9.05 -2.85
N VAL A 23 -4.92 -9.78 -1.82
CA VAL A 23 -6.09 -10.60 -1.98
C VAL A 23 -7.28 -9.73 -2.36
N ARG A 24 -7.48 -8.64 -1.64
CA ARG A 24 -8.61 -7.74 -1.92
C ARG A 24 -8.51 -7.07 -3.28
N VAL A 25 -7.32 -6.60 -3.64
CA VAL A 25 -7.13 -5.91 -4.93
C VAL A 25 -7.36 -6.85 -6.12
N LEU A 26 -6.78 -8.04 -6.09
CA LEU A 26 -6.82 -8.94 -7.20
C LEU A 26 -8.18 -9.63 -7.29
N ALA A 27 -8.93 -9.63 -6.19
CA ALA A 27 -10.29 -10.15 -6.16
C ALA A 27 -11.27 -9.18 -6.78
N ASP A 28 -10.86 -7.92 -6.92
CA ASP A 28 -11.74 -6.87 -7.43
C ASP A 28 -11.73 -6.90 -8.95
N ASP A 29 -12.86 -7.26 -9.56
CA ASP A 29 -12.93 -7.39 -11.02
C ASP A 29 -12.74 -6.07 -11.76
N GLN A 30 -12.79 -4.95 -11.04
CA GLN A 30 -12.51 -3.65 -11.62
C GLN A 30 -11.02 -3.33 -11.64
N LEU A 31 -10.23 -4.08 -10.89
CA LEU A 31 -8.80 -3.84 -10.76
C LEU A 31 -7.90 -4.92 -11.34
N SER A 32 -8.35 -6.17 -11.34
CA SER A 32 -7.42 -7.30 -11.51
C SER A 32 -6.69 -7.28 -12.87
N ALA A 33 -7.39 -6.84 -13.91
CA ALA A 33 -6.82 -6.77 -15.27
C ALA A 33 -5.59 -5.86 -15.39
N PHE A 34 -5.50 -4.85 -14.52
CA PHE A 34 -4.34 -3.97 -14.51
C PHE A 34 -3.03 -4.70 -14.23
N PHE A 35 -3.11 -5.87 -13.63
CA PHE A 35 -1.95 -6.60 -13.16
C PHE A 35 -1.65 -7.79 -14.06
N SER A 36 -2.33 -7.87 -15.20
CA SER A 36 -2.17 -9.00 -16.12
C SER A 36 -0.70 -9.18 -16.55
N GLY A 37 0.02 -8.08 -16.80
CA GLY A 37 1.43 -8.16 -17.25
C GLY A 37 2.48 -8.06 -16.14
N THR A 38 2.04 -8.15 -14.89
CA THR A 38 2.88 -7.83 -13.75
C THR A 38 3.66 -9.03 -13.18
N ASN A 39 4.93 -8.80 -12.85
CA ASN A 39 5.68 -9.71 -11.99
C ASN A 39 5.16 -9.53 -10.56
N MET A 40 4.29 -10.46 -10.17
CA MET A 40 3.50 -10.29 -8.97
C MET A 40 4.32 -10.51 -7.70
N SER A 41 5.18 -11.53 -7.69
CA SER A 41 6.07 -11.74 -6.53
C SER A 41 6.96 -10.50 -6.29
N ARG A 42 7.46 -9.92 -7.37
CA ARG A 42 8.28 -8.72 -7.28
C ARG A 42 7.46 -7.53 -6.77
N LEU A 43 6.23 -7.41 -7.27
CA LEU A 43 5.36 -6.31 -6.87
C LEU A 43 5.07 -6.32 -5.38
N LYS A 44 4.74 -7.50 -4.87
CA LYS A 44 4.39 -7.61 -3.45
C LYS A 44 5.60 -7.26 -2.57
N GLY A 45 6.78 -7.69 -3.00
CA GLY A 45 8.03 -7.30 -2.34
C GLY A 45 8.18 -5.79 -2.32
N LYS A 46 7.97 -5.17 -3.49
CA LYS A 46 8.09 -3.75 -3.61
C LYS A 46 7.07 -3.02 -2.76
N GLN A 47 5.85 -3.56 -2.69
CA GLN A 47 4.81 -2.92 -1.87
C GLN A 47 5.17 -2.98 -0.35
N VAL A 48 5.70 -4.11 0.10
CA VAL A 48 6.21 -4.23 1.46
C VAL A 48 7.29 -3.18 1.73
N GLU A 49 8.23 -3.04 0.81
CA GLU A 49 9.22 -1.99 0.92
C GLU A 49 8.61 -0.61 1.02
N PHE A 50 7.62 -0.33 0.18
CA PHE A 50 7.06 1.02 0.09
C PHE A 50 6.37 1.34 1.43
N PHE A 51 5.53 0.42 1.88
CA PHE A 51 4.75 0.59 3.12
CA PHE A 51 4.79 0.62 3.12
C PHE A 51 5.73 0.73 4.31
N ALA A 52 6.66 -0.21 4.42
CA ALA A 52 7.63 -0.19 5.52
C ALA A 52 8.42 1.12 5.56
N ALA A 53 8.98 1.55 4.42
CA ALA A 53 9.72 2.79 4.36
C ALA A 53 8.81 3.96 4.71
N ALA A 54 7.61 4.00 4.15
CA ALA A 54 6.76 5.16 4.33
C ALA A 54 6.33 5.32 5.78
N LEU A 55 6.15 4.19 6.47
CA LEU A 55 5.73 4.21 7.86
C LEU A 55 6.88 4.28 8.85
N GLY A 56 8.11 4.46 8.35
CA GLY A 56 9.26 4.78 9.22
C GLY A 56 10.14 3.61 9.60
N GLY A 57 9.97 2.48 8.93
CA GLY A 57 10.83 1.32 9.19
C GLY A 57 12.19 1.43 8.53
N PRO A 58 13.10 0.50 8.87
CA PRO A 58 14.50 0.53 8.38
C PRO A 58 14.65 0.01 6.94
N GLU A 59 13.58 -0.50 6.35
CA GLU A 59 13.60 -1.10 5.03
C GLU A 59 13.69 -0.05 3.91
N PRO A 60 14.74 -0.10 3.07
CA PRO A 60 14.76 0.83 1.94
C PRO A 60 13.64 0.53 0.90
N TYR A 61 13.06 1.58 0.33
CA TYR A 61 12.21 1.38 -0.83
C TYR A 61 13.12 1.45 -2.04
N THR A 62 13.16 0.35 -2.79
CA THR A 62 14.03 0.23 -3.93
C THR A 62 13.26 0.31 -5.26
N GLY A 63 11.97 0.58 -5.16
CA GLY A 63 11.15 0.63 -6.34
C GLY A 63 11.15 1.98 -7.02
N ALA A 64 10.24 2.11 -7.99
CA ALA A 64 10.16 3.34 -8.79
C ALA A 64 9.21 4.39 -8.22
N PRO A 65 9.34 5.64 -8.70
CA PRO A 65 8.40 6.64 -8.20
C PRO A 65 6.97 6.35 -8.68
N MET A 66 5.99 6.79 -7.89
CA MET A 66 4.61 6.40 -8.09
C MET A 66 4.06 6.85 -9.45
N LYS A 67 4.35 8.10 -9.83
CA LYS A 67 3.86 8.65 -11.13
C LYS A 67 4.36 7.79 -12.26
N GLN A 68 5.67 7.52 -12.27
CA GLN A 68 6.29 6.76 -13.36
C GLN A 68 5.85 5.30 -13.44
N VAL A 69 5.42 4.72 -12.31
CA VAL A 69 4.91 3.36 -12.33
C VAL A 69 3.49 3.30 -12.86
N HIS A 70 2.68 4.26 -12.42
CA HIS A 70 1.23 4.18 -12.60
C HIS A 70 0.72 4.86 -13.85
N GLN A 71 1.48 5.80 -14.40
CA GLN A 71 1.01 6.58 -15.53
C GLN A 71 0.88 5.74 -16.79
N GLY A 72 -0.06 6.14 -17.64
CA GLY A 72 -0.25 5.49 -18.93
C GLY A 72 -0.91 4.12 -18.86
N ARG A 73 -1.65 3.86 -17.79
CA ARG A 73 -2.33 2.58 -17.61
C ARG A 73 -3.85 2.73 -17.64
N GLY A 74 -4.32 3.98 -17.70
CA GLY A 74 -5.77 4.24 -17.65
C GLY A 74 -6.43 4.00 -16.29
N ILE A 75 -5.63 4.15 -15.24
CA ILE A 75 -6.14 4.08 -13.86
C ILE A 75 -6.94 5.36 -13.53
N THR A 76 -8.18 5.18 -13.07
CA THR A 76 -9.05 6.31 -12.76
C THR A 76 -9.03 6.66 -11.30
N MET A 77 -9.63 7.82 -10.99
CA MET A 77 -9.79 8.20 -9.58
C MET A 77 -10.63 7.15 -8.85
N HIS A 78 -11.63 6.63 -9.56
CA HIS A 78 -12.45 5.54 -9.02
C HIS A 78 -11.62 4.31 -8.65
N HIS A 79 -10.71 3.90 -9.55
CA HIS A 79 -9.83 2.79 -9.25
C HIS A 79 -8.96 3.07 -8.01
N PHE A 80 -8.49 4.31 -7.89
CA PHE A 80 -7.68 4.68 -6.71
C PHE A 80 -8.49 4.57 -5.41
N SER A 81 -9.71 5.06 -5.44
CA SER A 81 -10.64 4.93 -4.32
C SER A 81 -10.80 3.46 -3.95
N LEU A 82 -10.96 2.58 -4.94
CA LEU A 82 -11.13 1.15 -4.65
C LEU A 82 -9.91 0.58 -3.96
N VAL A 83 -8.73 0.92 -4.48
CA VAL A 83 -7.48 0.47 -3.90
C VAL A 83 -7.30 0.97 -2.48
N ALA A 84 -7.48 2.28 -2.27
CA ALA A 84 -7.38 2.90 -0.96
C ALA A 84 -8.35 2.23 0.03
N GLY A 85 -9.54 1.91 -0.47
CA GLY A 85 -10.56 1.22 0.33
C GLY A 85 -10.11 -0.19 0.72
N HIS A 86 -9.48 -0.90 -0.22
CA HIS A 86 -8.99 -2.25 0.06
C HIS A 86 -7.86 -2.19 1.07
N LEU A 87 -7.08 -1.11 1.04
CA LEU A 87 -5.99 -0.93 1.99
C LEU A 87 -6.56 -0.72 3.39
N ALA A 88 -7.50 0.20 3.50
CA ALA A 88 -8.19 0.42 4.79
C ALA A 88 -8.79 -0.87 5.32
N ASP A 89 -9.39 -1.64 4.41
CA ASP A 89 -10.01 -2.91 4.79
C ASP A 89 -9.00 -3.96 5.24
N ALA A 90 -7.83 -3.98 4.60
CA ALA A 90 -6.77 -4.90 5.00
C ALA A 90 -6.23 -4.54 6.41
N LEU A 91 -6.11 -3.23 6.69
CA LEU A 91 -5.61 -2.76 7.99
C LEU A 91 -6.64 -3.11 9.06
N THR A 92 -7.93 -2.99 8.72
CA THR A 92 -8.99 -3.38 9.63
C THR A 92 -8.94 -4.91 9.91
N ALA A 93 -8.80 -5.69 8.84
CA ALA A 93 -8.72 -7.15 8.98
C ALA A 93 -7.57 -7.55 9.91
N ALA A 94 -6.45 -6.87 9.73
CA ALA A 94 -5.22 -7.13 10.46
C ALA A 94 -5.31 -6.72 11.94
N GLY A 95 -6.33 -5.95 12.29
CA GLY A 95 -6.57 -5.53 13.65
C GLY A 95 -5.89 -4.24 14.05
N VAL A 96 -5.52 -3.40 13.09
CA VAL A 96 -4.88 -2.14 13.39
C VAL A 96 -5.94 -1.21 14.02
N PRO A 97 -5.61 -0.60 15.17
CA PRO A 97 -6.61 0.32 15.70
C PRO A 97 -7.06 1.42 14.72
N SER A 98 -8.32 1.82 14.80
CA SER A 98 -8.91 2.70 13.78
C SER A 98 -8.18 4.04 13.62
N GLU A 99 -7.75 4.67 14.71
CA GLU A 99 -7.03 5.95 14.56
C GLU A 99 -5.68 5.75 13.84
N THR A 100 -5.09 4.57 13.98
CA THR A 100 -3.83 4.28 13.29
C THR A 100 -4.08 3.97 11.82
N ILE A 101 -5.22 3.34 11.52
CA ILE A 101 -5.60 3.14 10.13
C ILE A 101 -5.70 4.50 9.43
N THR A 102 -6.35 5.45 10.10
CA THR A 102 -6.48 6.80 9.57
C THR A 102 -5.10 7.45 9.35
N GLU A 103 -4.22 7.32 10.33
CA GLU A 103 -2.86 7.80 10.21
C GLU A 103 -2.12 7.20 8.97
N ILE A 104 -2.27 5.90 8.78
CA ILE A 104 -1.56 5.17 7.73
C ILE A 104 -2.07 5.56 6.36
N LEU A 105 -3.40 5.62 6.21
CA LEU A 105 -3.99 6.09 4.96
C LEU A 105 -3.52 7.51 4.69
N GLY A 106 -3.40 8.32 5.74
CA GLY A 106 -2.92 9.68 5.56
C GLY A 106 -1.46 9.76 5.12
N VAL A 107 -0.65 8.79 5.52
CA VAL A 107 0.75 8.78 5.07
C VAL A 107 0.83 8.31 3.60
N ILE A 108 0.16 7.19 3.34
CA ILE A 108 0.27 6.43 2.11
CA ILE A 108 0.34 6.47 2.10
C ILE A 108 -0.43 7.09 0.94
N ALA A 109 -1.67 7.50 1.14
CA ALA A 109 -2.45 8.03 0.00
C ALA A 109 -1.76 9.20 -0.76
N PRO A 110 -1.26 10.22 -0.02
CA PRO A 110 -0.61 11.30 -0.75
C PRO A 110 0.66 10.87 -1.47
N LEU A 111 1.45 10.01 -0.84
CA LEU A 111 2.63 9.48 -1.49
C LEU A 111 2.28 8.73 -2.78
N ALA A 112 1.20 7.95 -2.75
CA ALA A 112 0.74 7.20 -3.94
C ALA A 112 0.43 8.06 -5.16
N VAL A 113 0.07 9.32 -4.92
CA VAL A 113 -0.14 10.30 -5.98
C VAL A 113 0.95 11.39 -6.02
N ASP A 114 2.15 10.99 -5.63
CA ASP A 114 3.39 11.80 -5.78
C ASP A 114 3.33 13.16 -5.10
N VAL A 115 2.65 13.24 -3.96
CA VAL A 115 2.77 14.42 -3.14
C VAL A 115 3.74 14.12 -2.00
N THR A 116 4.73 14.99 -1.84
CA THR A 116 5.66 14.96 -0.68
C THR A 116 5.94 16.41 -0.29
N SER A 117 5.12 16.92 0.63
CA SER A 117 5.16 18.36 0.96
C SER A 117 4.81 18.62 2.43
CHA HEM B . 2.90 -0.98 -8.92
CHB HEM B . 2.12 1.44 -4.86
CHC HEM B . -2.39 2.37 -6.37
CHD HEM B . -1.77 -0.54 -10.14
C1A HEM B . 3.09 -0.34 -7.73
C2A HEM B . 4.29 -0.46 -6.97
C3A HEM B . 4.06 0.22 -5.80
C4A HEM B . 2.74 0.73 -5.88
CMA HEM B . 4.99 0.41 -4.62
CAA HEM B . 5.57 -1.18 -7.34
CBA HEM B . 6.54 -0.23 -8.05
CGA HEM B . 7.79 -0.86 -8.63
O1A HEM B . 8.89 -0.23 -8.65
O2A HEM B . 7.79 -2.02 -9.07
C1B HEM B . 0.79 1.86 -4.89
C2B HEM B . 0.15 2.58 -3.84
C3B HEM B . -1.14 2.88 -4.25
C4B HEM B . -1.24 2.30 -5.60
CMB HEM B . 0.81 2.94 -2.53
CAB HEM B . -2.30 3.54 -3.55
CBB HEM B . -2.35 3.73 -2.25
C1C HEM B . -2.61 1.70 -7.56
C2C HEM B . -3.83 1.70 -8.22
C3C HEM B . -3.70 0.85 -9.32
C4C HEM B . -2.36 0.31 -9.25
CMC HEM B . -5.03 2.52 -7.86
CAC HEM B . -4.82 0.53 -10.18
CBC HEM B . -4.98 -0.72 -10.58
C1D HEM B . -0.42 -0.85 -10.09
C2D HEM B . 0.14 -1.77 -11.08
C3D HEM B . 1.45 -1.88 -10.75
C4D HEM B . 1.65 -1.06 -9.53
CMD HEM B . -0.60 -2.39 -12.27
CAD HEM B . 2.48 -2.79 -11.39
CBD HEM B . 3.11 -2.39 -12.68
CGD HEM B . 3.89 -3.63 -13.10
O1D HEM B . 4.96 -3.95 -12.55
O2D HEM B . 3.45 -4.36 -14.01
NA HEM B . 2.14 0.36 -7.05
NB HEM B . -0.06 1.77 -5.91
NC HEM B . -1.74 0.89 -8.17
ND HEM B . 0.49 -0.46 -9.18
FE HEM B . 0.24 0.63 -7.62
C FMT C . -1.26 -1.60 -6.52
O1 FMT C . -1.28 -2.59 -5.81
O2 FMT C . -0.12 -0.94 -6.70
C ACT D . 8.79 6.19 0.15
O ACT D . 8.18 5.10 0.35
OXT ACT D . 9.50 6.72 1.04
CH3 ACT D . 8.68 6.86 -1.20
C1 GOL E . 8.16 -5.31 -14.04
O1 GOL E . 8.79 -5.76 -12.84
C2 GOL E . 7.04 -6.23 -14.46
O2 GOL E . 6.02 -6.32 -13.44
C3 GOL E . 6.45 -5.71 -15.77
O3 GOL E . 5.90 -4.39 -15.61
C1 GOL F . 0.08 10.10 -12.88
O1 GOL F . 0.25 11.44 -12.34
C2 GOL F . -0.94 9.24 -12.11
O2 GOL F . -0.66 9.15 -10.71
C3 GOL F . -1.01 7.84 -12.73
O3 GOL F . -1.86 7.85 -13.88
#